data_7H6D
#
_entry.id   7H6D
#
_cell.length_a   74.530
_cell.length_b   74.530
_cell.length_c   49.530
_cell.angle_alpha   90.00
_cell.angle_beta   90.00
_cell.angle_gamma   90.00
#
_symmetry.space_group_name_H-M   'P 43'
#
loop_
_entity.id
_entity.type
_entity.pdbx_description
1 polymer Chymase
2 non-polymer 'ZINC ION'
3 non-polymer '1-[(8-methylnaphthalen-1-yl)methyl]-1H-indole-2-carboxylic acid'
4 water water
#
_entity_poly.entity_id   1
_entity_poly.type   'polypeptide(L)'
_entity_poly.pdbx_seq_one_letter_code
;IIGGTESKPHSRPYMAYLEIVTSNGPSKFCGGFLIRRNFVLTAAHCAGRSITVTLGAHNITEEEDTWQKLEVIKQFRHPK
YNTSTLHHDIMLLKLKEKASLTLAVGTLPFPSQKNFVPPGRMCRVAGWGRTGVLKPGSDTLQEVKLRLMDPQACSHFRDF
DHNLQLCVGNPRKTKSAFKGDSGGPLLCAGVAQGIVSYGRSDAKPPAVFTRISHYRPWINQILQAN
;
_entity_poly.pdbx_strand_id   A
#
# COMPACT_ATOMS: atom_id res chain seq x y z
N ILE A 1 6.36 0.60 9.32
CA ILE A 1 6.47 2.09 9.47
C ILE A 1 7.56 2.36 10.50
N ILE A 2 8.55 3.19 10.11
CA ILE A 2 9.63 3.62 10.98
C ILE A 2 9.35 5.04 11.46
N GLY A 3 9.43 5.23 12.78
CA GLY A 3 9.37 6.58 13.34
C GLY A 3 7.98 7.19 13.33
N GLY A 4 6.93 6.35 13.30
CA GLY A 4 5.56 6.80 13.25
C GLY A 4 4.86 6.69 14.61
N THR A 5 3.52 6.76 14.56
CA THR A 5 2.67 6.67 15.73
C THR A 5 1.67 5.55 15.51
N GLU A 6 1.13 4.99 16.61
CA GLU A 6 0.01 4.06 16.50
C GLU A 6 -1.22 4.79 15.98
N SER A 7 -1.86 4.24 14.93
CA SER A 7 -3.11 4.78 14.41
C SER A 7 -4.20 4.70 15.49
N LYS A 8 -5.12 5.68 15.50
CA LYS A 8 -6.32 5.50 16.29
C LYS A 8 -7.07 4.29 15.74
N PRO A 9 -7.50 3.33 16.58
CA PRO A 9 -8.08 2.09 16.05
C PRO A 9 -9.27 2.37 15.14
N HIS A 10 -9.25 1.77 13.95
CA HIS A 10 -10.33 1.80 12.98
C HIS A 10 -10.48 3.17 12.29
N SER A 11 -9.48 4.06 12.45
CA SER A 11 -9.57 5.41 11.91
C SER A 11 -9.28 5.45 10.40
N ARG A 12 -8.76 4.36 9.83
CA ARG A 12 -8.49 4.25 8.41
C ARG A 12 -9.22 3.02 7.86
N PRO A 13 -10.57 3.10 7.74
CA PRO A 13 -11.38 1.89 7.55
C PRO A 13 -11.25 1.17 6.21
N TYR A 14 -10.54 1.80 5.27
CA TYR A 14 -10.20 1.21 3.98
C TYR A 14 -8.94 0.33 4.04
N MET A 15 -8.19 0.31 5.15
CA MET A 15 -6.92 -0.41 5.16
C MET A 15 -7.14 -1.93 5.13
N ALA A 16 -6.31 -2.63 4.32
CA ALA A 16 -6.39 -4.08 4.16
C ALA A 16 -5.06 -4.69 4.56
N TYR A 17 -5.13 -5.81 5.31
CA TYR A 17 -3.99 -6.63 5.68
C TYR A 17 -4.00 -7.89 4.82
N LEU A 18 -2.94 -8.08 4.03
CA LEU A 18 -2.87 -9.17 3.07
C LEU A 18 -1.93 -10.27 3.56
N GLU A 19 -2.43 -11.52 3.58
CA GLU A 19 -1.60 -12.69 3.82
C GLU A 19 -1.41 -13.43 2.49
N ILE A 20 -0.14 -13.56 2.08
N ILE A 20 -0.15 -13.58 2.05
CA ILE A 20 0.32 -13.97 0.75
CA ILE A 20 0.13 -14.06 0.71
C ILE A 20 0.89 -15.39 0.83
C ILE A 20 0.90 -15.37 0.77
N VAL A 21 0.30 -16.36 0.11
CA VAL A 21 0.79 -17.72 0.09
C VAL A 21 1.62 -17.96 -1.17
N THR A 22 2.77 -18.62 -1.00
CA THR A 22 3.58 -19.14 -2.10
C THR A 22 3.77 -20.65 -1.94
N SER A 23 4.15 -21.35 -3.02
CA SER A 23 4.20 -22.81 -2.98
C SER A 23 5.43 -23.32 -2.23
N ASN A 24 6.50 -22.49 -2.17
CA ASN A 24 7.84 -22.89 -1.74
C ASN A 24 8.39 -22.07 -0.56
N GLY A 25 7.53 -21.38 0.19
CA GLY A 25 7.97 -20.71 1.40
C GLY A 25 6.79 -20.42 2.30
N PRO A 26 7.00 -19.97 3.55
CA PRO A 26 5.89 -19.60 4.42
C PRO A 26 5.20 -18.32 3.93
N SER A 27 4.10 -17.99 4.61
CA SER A 27 3.31 -16.79 4.36
C SER A 27 4.19 -15.54 4.41
N LYS A 28 3.85 -14.58 3.55
CA LYS A 28 4.36 -13.21 3.60
C LYS A 28 3.17 -12.26 3.73
N PHE A 29 3.45 -10.97 4.04
CA PHE A 29 2.37 -10.01 4.33
C PHE A 29 2.61 -8.70 3.58
N CYS A 30 1.50 -8.03 3.26
CA CYS A 30 1.52 -6.70 2.65
C CYS A 30 0.33 -5.89 3.19
N GLY A 31 0.34 -4.58 2.94
CA GLY A 31 -0.87 -3.81 3.06
C GLY A 31 -1.57 -3.63 1.71
N GLY A 32 -2.65 -2.85 1.74
CA GLY A 32 -3.49 -2.55 0.59
C GLY A 32 -4.66 -1.67 1.05
N PHE A 33 -5.54 -1.30 0.12
CA PHE A 33 -6.70 -0.49 0.47
C PHE A 33 -7.92 -0.81 -0.39
N LEU A 34 -9.09 -0.75 0.26
CA LEU A 34 -10.35 -1.09 -0.37
C LEU A 34 -10.87 0.09 -1.19
N ILE A 35 -10.97 -0.04 -2.51
CA ILE A 35 -11.43 1.06 -3.37
C ILE A 35 -12.85 0.82 -3.88
N ARG A 36 -13.31 -0.44 -3.91
CA ARG A 36 -14.71 -0.83 -4.12
C ARG A 36 -15.06 -1.91 -3.10
N ARG A 37 -16.34 -2.20 -2.90
CA ARG A 37 -16.63 -3.24 -1.91
C ARG A 37 -16.00 -4.59 -2.24
N ASN A 38 -15.69 -4.89 -3.52
CA ASN A 38 -15.04 -6.14 -3.89
C ASN A 38 -13.70 -5.93 -4.60
N PHE A 39 -13.02 -4.77 -4.40
CA PHE A 39 -11.68 -4.59 -4.98
C PHE A 39 -10.73 -3.88 -4.01
N VAL A 40 -9.53 -4.47 -3.87
CA VAL A 40 -8.42 -3.96 -3.09
C VAL A 40 -7.27 -3.61 -4.03
N LEU A 41 -6.71 -2.39 -3.86
CA LEU A 41 -5.50 -1.98 -4.55
C LEU A 41 -4.26 -2.23 -3.69
N THR A 42 -3.17 -2.70 -4.34
CA THR A 42 -1.93 -3.03 -3.65
C THR A 42 -0.76 -2.98 -4.65
N ALA A 43 0.41 -3.46 -4.24
CA ALA A 43 1.58 -3.54 -5.09
C ALA A 43 1.64 -4.88 -5.83
N ALA A 44 2.13 -4.86 -7.08
CA ALA A 44 2.36 -6.07 -7.87
C ALA A 44 3.31 -7.06 -7.21
N HIS A 45 4.31 -6.58 -6.47
CA HIS A 45 5.29 -7.47 -5.85
C HIS A 45 4.66 -8.27 -4.69
N CYS A 46 3.39 -7.96 -4.34
CA CYS A 46 2.62 -8.72 -3.35
C CYS A 46 1.85 -9.90 -3.96
N ALA A 47 1.99 -10.16 -5.25
CA ALA A 47 1.31 -11.29 -5.88
C ALA A 47 1.83 -12.62 -5.32
N GLY A 48 0.94 -13.63 -5.34
CA GLY A 48 1.30 -14.96 -4.87
C GLY A 48 0.39 -16.01 -5.49
N ARG A 49 0.47 -17.24 -4.98
CA ARG A 49 -0.41 -18.29 -5.47
C ARG A 49 -1.84 -18.06 -4.99
N SER A 50 -1.98 -17.58 -3.76
CA SER A 50 -3.28 -17.14 -3.25
C SER A 50 -3.09 -16.09 -2.16
N ILE A 51 -4.17 -15.29 -1.93
CA ILE A 51 -4.14 -14.18 -0.99
C ILE A 51 -5.43 -14.16 -0.17
N THR A 52 -5.33 -13.86 1.14
N THR A 52 -5.31 -13.89 1.15
CA THR A 52 -6.50 -13.56 1.97
CA THR A 52 -6.44 -13.57 2.02
C THR A 52 -6.38 -12.15 2.55
C THR A 52 -6.34 -12.10 2.42
N VAL A 53 -7.50 -11.43 2.50
CA VAL A 53 -7.59 -10.05 2.94
C VAL A 53 -8.32 -9.98 4.27
N THR A 54 -7.73 -9.26 5.22
CA THR A 54 -8.45 -8.96 6.47
C THR A 54 -8.73 -7.46 6.48
N LEU A 55 -10.03 -7.12 6.49
CA LEU A 55 -10.52 -5.77 6.70
C LEU A 55 -10.95 -5.59 8.16
N GLY A 56 -10.95 -4.32 8.62
CA GLY A 56 -11.45 -3.97 9.95
C GLY A 56 -10.44 -4.20 11.09
N ALA A 57 -9.16 -4.41 10.77
CA ALA A 57 -8.17 -4.73 11.77
C ALA A 57 -7.50 -3.50 12.36
N HIS A 58 -7.08 -3.65 13.62
CA HIS A 58 -6.14 -2.71 14.23
C HIS A 58 -4.93 -3.50 14.76
N ASN A 59 -5.12 -4.26 15.85
CA ASN A 59 -4.14 -5.24 16.31
C ASN A 59 -4.42 -6.55 15.61
N ILE A 60 -3.53 -6.92 14.68
N ILE A 60 -3.56 -6.92 14.65
CA ILE A 60 -3.75 -8.06 13.81
CA ILE A 60 -3.81 -8.09 13.82
C ILE A 60 -3.54 -9.39 14.55
C ILE A 60 -3.60 -9.40 14.58
N THR A 61 -3.14 -9.35 15.84
CA THR A 61 -3.01 -10.57 16.64
C THR A 61 -4.27 -10.85 17.48
N GLU A 62 -5.23 -9.93 17.47
CA GLU A 62 -6.40 -10.04 18.35
C GLU A 62 -7.70 -10.00 17.54
N GLU A 63 -8.28 -11.18 17.30
N GLU A 63 -8.29 -11.17 17.27
CA GLU A 63 -9.57 -11.32 16.63
CA GLU A 63 -9.53 -11.25 16.50
C GLU A 63 -10.61 -10.42 17.29
C GLU A 63 -10.65 -10.52 17.23
N GLU A 64 -11.45 -9.78 16.46
CA GLU A 64 -12.57 -9.00 17.01
C GLU A 64 -13.72 -8.95 16.01
N ASP A 65 -14.90 -8.48 16.45
CA ASP A 65 -16.08 -8.48 15.59
C ASP A 65 -15.91 -7.63 14.34
N THR A 66 -15.09 -6.57 14.39
CA THR A 66 -14.85 -5.72 13.23
C THR A 66 -14.17 -6.49 12.09
N TRP A 67 -13.43 -7.57 12.39
CA TRP A 67 -12.72 -8.31 11.33
C TRP A 67 -13.68 -8.83 10.26
N GLN A 68 -13.27 -8.67 9.01
CA GLN A 68 -13.83 -9.44 7.90
C GLN A 68 -12.67 -10.11 7.16
N LYS A 69 -12.59 -11.45 7.22
CA LYS A 69 -11.56 -12.20 6.50
C LYS A 69 -12.16 -12.64 5.17
N LEU A 70 -11.62 -12.16 4.07
CA LEU A 70 -12.26 -12.33 2.78
C LEU A 70 -11.33 -13.00 1.78
N GLU A 71 -11.91 -13.95 1.03
CA GLU A 71 -11.21 -14.66 -0.04
C GLU A 71 -11.03 -13.76 -1.26
N VAL A 72 -9.85 -13.85 -1.89
CA VAL A 72 -9.57 -13.24 -3.18
C VAL A 72 -9.83 -14.27 -4.28
N ILE A 73 -10.65 -13.94 -5.27
N ILE A 73 -10.72 -13.92 -5.22
CA ILE A 73 -10.93 -14.89 -6.35
CA ILE A 73 -11.02 -14.81 -6.34
C ILE A 73 -9.98 -14.73 -7.54
C ILE A 73 -9.91 -14.75 -7.40
N LYS A 74 -9.44 -13.54 -7.75
CA LYS A 74 -8.53 -13.34 -8.88
C LYS A 74 -7.61 -12.14 -8.60
N GLN A 75 -6.34 -12.29 -9.03
CA GLN A 75 -5.34 -11.23 -8.95
C GLN A 75 -5.15 -10.62 -10.33
N PHE A 76 -5.15 -9.28 -10.39
CA PHE A 76 -4.90 -8.54 -11.63
C PHE A 76 -3.61 -7.74 -11.49
N ARG A 77 -2.48 -8.38 -11.77
CA ARG A 77 -1.18 -7.73 -11.69
C ARG A 77 -0.99 -6.89 -12.96
N HIS A 78 -0.40 -5.70 -12.85
CA HIS A 78 -0.19 -4.89 -14.03
C HIS A 78 0.60 -5.70 -15.07
N PRO A 79 0.11 -5.78 -16.33
CA PRO A 79 0.77 -6.63 -17.34
C PRO A 79 2.19 -6.22 -17.71
N LYS A 80 2.59 -4.98 -17.40
CA LYS A 80 3.96 -4.52 -17.70
C LYS A 80 4.87 -4.47 -16.46
N TYR A 81 4.40 -4.94 -15.30
CA TYR A 81 5.24 -5.06 -14.11
C TYR A 81 6.55 -5.78 -14.46
N ASN A 82 7.66 -5.16 -14.05
CA ASN A 82 9.00 -5.61 -14.44
C ASN A 82 9.79 -5.88 -13.17
N THR A 83 10.24 -7.12 -12.96
CA THR A 83 10.91 -7.48 -11.70
C THR A 83 12.33 -6.92 -11.63
N SER A 84 12.89 -6.43 -12.76
CA SER A 84 14.21 -5.84 -12.76
C SER A 84 14.18 -4.36 -12.41
N THR A 85 13.38 -3.58 -13.14
CA THR A 85 13.28 -2.13 -12.97
C THR A 85 12.32 -1.77 -11.84
N LEU A 86 11.38 -2.68 -11.55
CA LEU A 86 10.25 -2.46 -10.62
C LEU A 86 9.25 -1.42 -11.13
N HIS A 87 9.27 -1.09 -12.43
CA HIS A 87 8.22 -0.25 -13.00
C HIS A 87 6.85 -0.97 -12.97
N HIS A 88 5.80 -0.19 -12.72
CA HIS A 88 4.40 -0.62 -12.84
C HIS A 88 4.05 -1.57 -11.70
N ASP A 89 4.50 -1.21 -10.50
CA ASP A 89 4.32 -2.03 -9.30
C ASP A 89 2.91 -1.77 -8.73
N ILE A 90 1.89 -2.32 -9.39
CA ILE A 90 0.52 -2.08 -9.01
C ILE A 90 -0.32 -3.32 -9.36
N MET A 91 -1.29 -3.65 -8.50
CA MET A 91 -2.14 -4.83 -8.67
C MET A 91 -3.50 -4.57 -8.03
N LEU A 92 -4.55 -5.07 -8.71
CA LEU A 92 -5.90 -5.11 -8.15
C LEU A 92 -6.28 -6.53 -7.74
N LEU A 93 -6.93 -6.67 -6.57
CA LEU A 93 -7.44 -7.95 -6.09
C LEU A 93 -8.96 -7.89 -6.08
N LYS A 94 -9.60 -8.84 -6.77
CA LYS A 94 -11.05 -8.94 -6.73
C LYS A 94 -11.43 -9.91 -5.63
N LEU A 95 -12.32 -9.47 -4.72
CA LEU A 95 -12.79 -10.28 -3.61
C LEU A 95 -13.95 -11.16 -4.09
N LYS A 96 -14.04 -12.36 -3.53
CA LYS A 96 -15.09 -13.32 -3.89
C LYS A 96 -16.49 -12.74 -3.64
N GLU A 97 -16.65 -11.99 -2.56
CA GLU A 97 -17.92 -11.30 -2.28
C GLU A 97 -17.67 -9.84 -1.93
N LYS A 98 -18.72 -9.01 -1.97
CA LYS A 98 -18.55 -7.63 -1.54
C LYS A 98 -18.44 -7.61 -0.02
N ALA A 99 -17.51 -6.78 0.50
CA ALA A 99 -17.41 -6.56 1.94
C ALA A 99 -18.66 -5.89 2.49
N SER A 100 -18.86 -6.08 3.79
CA SER A 100 -19.88 -5.37 4.54
C SER A 100 -19.34 -4.00 4.90
N LEU A 101 -20.20 -2.98 4.79
CA LEU A 101 -19.89 -1.64 5.26
C LEU A 101 -20.27 -1.54 6.74
N THR A 102 -19.27 -1.17 7.55
CA THR A 102 -19.41 -0.91 8.97
C THR A 102 -18.69 0.39 9.32
N LEU A 103 -18.71 0.79 10.59
CA LEU A 103 -17.90 1.92 11.02
C LEU A 103 -16.41 1.66 10.74
N ALA A 104 -16.00 0.40 10.90
CA ALA A 104 -14.60 -0.01 10.83
C ALA A 104 -14.16 -0.39 9.41
N VAL A 105 -15.12 -0.57 8.48
CA VAL A 105 -14.81 -0.99 7.12
C VAL A 105 -15.59 -0.14 6.12
N GLY A 106 -14.84 0.51 5.21
CA GLY A 106 -15.43 1.31 4.14
C GLY A 106 -14.44 1.52 3.01
N THR A 107 -14.94 1.99 1.86
CA THR A 107 -14.12 2.19 0.67
C THR A 107 -13.49 3.58 0.70
N LEU A 108 -12.41 3.71 -0.07
CA LEU A 108 -11.80 4.98 -0.43
C LEU A 108 -11.82 5.12 -1.95
N PRO A 109 -12.92 5.57 -2.58
CA PRO A 109 -12.96 5.73 -4.04
C PRO A 109 -12.11 6.94 -4.46
N PHE A 110 -11.61 6.89 -5.70
CA PHE A 110 -10.86 8.01 -6.26
C PHE A 110 -11.84 9.14 -6.58
N PRO A 111 -11.43 10.42 -6.40
CA PRO A 111 -12.22 11.54 -6.92
C PRO A 111 -12.03 11.55 -8.44
N SER A 112 -12.90 12.32 -9.14
CA SER A 112 -12.85 12.40 -10.60
C SER A 112 -11.49 12.93 -11.07
N GLN A 113 -10.95 13.93 -10.37
CA GLN A 113 -9.72 14.59 -10.79
C GLN A 113 -8.53 13.64 -10.60
N LYS A 114 -7.56 13.73 -11.53
CA LYS A 114 -6.36 12.90 -11.52
C LYS A 114 -5.13 13.75 -11.87
N ASN A 115 -4.99 14.88 -11.15
CA ASN A 115 -3.95 15.85 -11.43
C ASN A 115 -2.60 15.30 -10.95
N PHE A 116 -1.54 15.65 -11.69
CA PHE A 116 -0.19 15.26 -11.30
C PHE A 116 0.19 16.01 -10.03
N VAL A 117 0.64 15.27 -9.00
CA VAL A 117 1.03 15.84 -7.71
C VAL A 117 2.51 16.21 -7.74
N PRO A 118 2.84 17.52 -7.62
CA PRO A 118 4.23 17.96 -7.66
C PRO A 118 4.88 17.77 -6.29
N PRO A 119 6.23 17.84 -6.20
CA PRO A 119 6.92 17.86 -4.91
C PRO A 119 6.56 19.01 -3.98
N GLY A 120 6.75 18.81 -2.66
CA GLY A 120 6.74 19.88 -1.67
C GLY A 120 5.86 19.63 -0.42
N ARG A 121 4.68 18.99 -0.61
CA ARG A 121 3.70 18.86 0.47
C ARG A 121 3.96 17.66 1.39
N MET A 122 3.24 17.61 2.52
CA MET A 122 3.27 16.48 3.45
C MET A 122 2.09 15.54 3.15
N CYS A 123 2.35 14.22 3.23
CA CYS A 123 1.34 13.19 3.04
C CYS A 123 1.51 12.16 4.14
N ARG A 124 0.55 11.21 4.26
CA ARG A 124 0.60 10.25 5.35
C ARG A 124 0.42 8.83 4.81
N VAL A 125 1.16 7.88 5.40
CA VAL A 125 1.13 6.47 5.01
C VAL A 125 0.95 5.62 6.27
N ALA A 126 0.18 4.51 6.13
CA ALA A 126 -0.09 3.59 7.23
C ALA A 126 0.29 2.16 6.83
N GLY A 127 0.62 1.35 7.84
CA GLY A 127 0.94 -0.05 7.62
C GLY A 127 1.26 -0.82 8.89
N TRP A 128 1.34 -2.15 8.71
CA TRP A 128 1.70 -3.11 9.74
C TRP A 128 3.15 -3.58 9.56
N GLY A 129 3.95 -2.87 8.77
CA GLY A 129 5.28 -3.30 8.43
C GLY A 129 6.28 -3.16 9.60
N ARG A 130 7.52 -3.56 9.31
CA ARG A 130 8.61 -3.46 10.26
C ARG A 130 8.83 -2.03 10.72
N THR A 131 9.23 -1.90 11.99
CA THR A 131 9.45 -0.60 12.63
C THR A 131 10.93 -0.27 12.69
N GLY A 132 11.76 -1.13 12.08
CA GLY A 132 13.19 -0.88 11.93
C GLY A 132 13.84 -2.05 11.21
N VAL A 133 15.12 -1.91 10.84
CA VAL A 133 15.81 -2.95 10.09
C VAL A 133 15.78 -4.28 10.84
N LEU A 134 16.02 -4.24 12.17
CA LEU A 134 16.15 -5.48 12.90
C LEU A 134 14.86 -5.81 13.66
N LYS A 135 13.73 -5.20 13.27
CA LYS A 135 12.52 -5.32 14.07
C LYS A 135 11.43 -6.02 13.26
N PRO A 136 10.40 -6.52 13.96
CA PRO A 136 9.51 -7.46 13.30
C PRO A 136 8.38 -6.53 12.86
N GLY A 137 7.46 -7.03 12.02
CA GLY A 137 6.24 -6.30 11.70
C GLY A 137 5.45 -5.93 12.95
N SER A 138 4.88 -4.72 12.96
CA SER A 138 4.08 -4.21 14.05
C SER A 138 2.80 -5.01 14.21
N ASP A 139 2.42 -5.33 15.46
CA ASP A 139 1.12 -5.93 15.71
C ASP A 139 -0.01 -4.93 15.47
N THR A 140 0.22 -3.62 15.70
CA THR A 140 -0.80 -2.58 15.57
C THR A 140 -0.57 -1.78 14.29
N LEU A 141 -1.65 -1.25 13.69
CA LEU A 141 -1.51 -0.36 12.55
C LEU A 141 -0.75 0.89 12.99
N GLN A 142 0.31 1.28 12.23
CA GLN A 142 1.10 2.48 12.48
C GLN A 142 0.97 3.45 11.31
N GLU A 143 1.27 4.72 11.56
CA GLU A 143 1.22 5.72 10.51
C GLU A 143 2.27 6.82 10.73
N VAL A 144 2.63 7.50 9.65
CA VAL A 144 3.70 8.51 9.68
C VAL A 144 3.46 9.55 8.60
N LYS A 145 3.80 10.83 8.91
CA LYS A 145 3.71 11.94 7.98
C LYS A 145 5.10 12.16 7.33
N LEU A 146 5.11 12.18 5.99
CA LEU A 146 6.32 12.22 5.17
C LEU A 146 6.26 13.32 4.11
N ARG A 147 7.42 13.91 3.81
N ARG A 147 7.45 13.80 3.72
CA ARG A 147 7.53 14.95 2.79
CA ARG A 147 7.60 14.85 2.72
C ARG A 147 7.70 14.33 1.39
C ARG A 147 7.68 14.29 1.30
N LEU A 148 6.87 14.79 0.45
N LEU A 148 6.97 14.96 0.39
CA LEU A 148 7.10 14.53 -0.96
CA LEU A 148 7.04 14.66 -1.03
C LEU A 148 8.36 15.30 -1.36
C LEU A 148 8.25 15.37 -1.67
N MET A 149 9.30 14.60 -1.99
CA MET A 149 10.59 15.17 -2.36
C MET A 149 10.69 15.39 -3.87
N ASP A 150 11.57 16.33 -4.26
CA ASP A 150 11.91 16.51 -5.65
C ASP A 150 12.51 15.21 -6.18
N PRO A 151 12.31 14.87 -7.47
CA PRO A 151 12.73 13.56 -7.97
C PRO A 151 14.23 13.29 -7.87
N GLN A 152 15.05 14.36 -7.91
CA GLN A 152 16.49 14.19 -7.77
C GLN A 152 16.88 13.55 -6.43
N ALA A 153 16.03 13.66 -5.39
CA ALA A 153 16.31 13.02 -4.12
C ALA A 153 16.31 11.49 -4.24
N CYS A 154 15.70 10.95 -5.30
CA CYS A 154 15.61 9.50 -5.50
C CYS A 154 16.50 9.02 -6.65
N SER A 155 17.46 9.86 -7.09
CA SER A 155 18.30 9.53 -8.25
C SER A 155 19.09 8.24 -8.07
N HIS A 156 19.49 7.97 -6.82
CA HIS A 156 20.33 6.81 -6.50
C HIS A 156 19.61 5.49 -6.78
N PHE A 157 18.28 5.51 -6.80
CA PHE A 157 17.50 4.39 -7.33
C PHE A 157 17.56 4.52 -8.85
N ARG A 158 18.44 3.74 -9.49
CA ARG A 158 18.79 4.08 -10.86
C ARG A 158 17.61 3.86 -11.82
N ASP A 159 16.62 3.03 -11.44
CA ASP A 159 15.43 2.84 -12.27
C ASP A 159 14.23 3.66 -11.81
N PHE A 160 14.42 4.60 -10.88
CA PHE A 160 13.36 5.55 -10.52
C PHE A 160 12.99 6.42 -11.71
N ASP A 161 11.67 6.74 -11.87
CA ASP A 161 11.22 7.67 -12.91
C ASP A 161 10.14 8.59 -12.33
N HIS A 162 10.33 9.90 -12.46
CA HIS A 162 9.44 10.89 -11.89
C HIS A 162 8.01 10.80 -12.43
N ASN A 163 7.84 10.40 -13.70
CA ASN A 163 6.51 10.34 -14.28
C ASN A 163 5.71 9.17 -13.70
N LEU A 164 6.41 8.10 -13.32
CA LEU A 164 5.80 6.85 -12.88
C LEU A 164 5.65 6.78 -11.35
N GLN A 165 6.48 7.50 -10.60
CA GLN A 165 6.68 7.28 -9.17
C GLN A 165 6.83 8.59 -8.39
N LEU A 166 6.43 8.55 -7.10
CA LEU A 166 6.70 9.57 -6.10
C LEU A 166 7.94 9.21 -5.27
N CYS A 167 8.70 10.25 -4.88
CA CYS A 167 9.87 10.17 -4.04
C CYS A 167 9.48 10.68 -2.66
N VAL A 168 9.51 9.81 -1.62
CA VAL A 168 8.80 10.10 -0.38
C VAL A 168 9.67 9.90 0.85
N GLY A 169 9.85 10.98 1.64
CA GLY A 169 10.56 10.95 2.92
C GLY A 169 11.86 11.76 2.87
N ASN A 170 11.90 12.82 3.71
CA ASN A 170 13.10 13.65 3.89
C ASN A 170 14.28 12.78 4.34
N PRO A 171 15.42 12.79 3.62
CA PRO A 171 16.59 12.01 4.05
C PRO A 171 17.25 12.37 5.39
N ARG A 172 16.92 13.56 5.92
CA ARG A 172 17.43 14.04 7.20
C ARG A 172 16.71 13.43 8.40
N LYS A 173 15.59 12.72 8.19
CA LYS A 173 14.85 12.08 9.25
C LYS A 173 14.86 10.56 9.07
N THR A 174 14.50 9.81 10.11
CA THR A 174 14.37 8.35 10.04
C THR A 174 12.98 7.93 9.54
N LYS A 175 11.99 8.82 9.64
CA LYS A 175 10.61 8.51 9.27
C LYS A 175 10.50 7.93 7.87
N SER A 176 9.81 6.77 7.72
CA SER A 176 9.73 6.11 6.42
C SER A 176 8.69 4.99 6.41
N ALA A 177 8.09 4.74 5.23
CA ALA A 177 7.56 3.40 4.98
C ALA A 177 8.71 2.40 4.88
N PHE A 178 8.45 1.12 5.22
CA PHE A 178 9.50 0.10 5.15
C PHE A 178 8.91 -1.27 4.77
N LYS A 179 9.76 -2.30 4.79
CA LYS A 179 9.34 -3.66 4.53
C LYS A 179 8.07 -4.02 5.30
N GLY A 180 7.13 -4.66 4.60
CA GLY A 180 5.84 -5.00 5.18
C GLY A 180 4.77 -3.93 5.00
N ASP A 181 5.17 -2.69 4.64
CA ASP A 181 4.22 -1.63 4.32
C ASP A 181 3.84 -1.64 2.84
N SER A 182 4.53 -2.45 2.04
CA SER A 182 4.19 -2.74 0.65
C SER A 182 2.69 -2.65 0.38
N GLY A 183 2.30 -1.86 -0.64
CA GLY A 183 0.92 -1.84 -1.12
C GLY A 183 -0.03 -0.87 -0.42
N GLY A 184 0.42 -0.28 0.69
CA GLY A 184 -0.40 0.67 1.43
C GLY A 184 -0.51 2.01 0.72
N PRO A 185 -1.59 2.77 0.98
CA PRO A 185 -1.81 4.08 0.36
C PRO A 185 -1.02 5.20 1.02
N LEU A 186 -0.55 6.12 0.19
CA LEU A 186 -0.05 7.41 0.62
C LEU A 186 -1.16 8.42 0.40
N LEU A 187 -1.69 9.03 1.46
CA LEU A 187 -2.80 9.97 1.33
C LEU A 187 -2.27 11.39 1.47
N CYS A 188 -2.68 12.25 0.53
CA CYS A 188 -2.32 13.67 0.56
C CYS A 188 -3.63 14.46 0.63
N ALA A 189 -3.88 15.14 1.77
CA ALA A 189 -5.16 15.79 2.03
C ALA A 189 -6.33 14.84 1.81
N GLY A 190 -6.19 13.61 2.33
CA GLY A 190 -7.27 12.64 2.35
C GLY A 190 -7.50 11.93 1.03
N VAL A 191 -6.63 12.15 0.02
CA VAL A 191 -6.77 11.52 -1.29
C VAL A 191 -5.58 10.62 -1.53
N ALA A 192 -5.82 9.37 -1.96
CA ALA A 192 -4.73 8.43 -2.25
C ALA A 192 -3.97 8.88 -3.50
N GLN A 193 -2.66 9.12 -3.35
CA GLN A 193 -1.85 9.58 -4.48
C GLN A 193 -0.69 8.62 -4.76
N GLY A 194 -0.36 7.74 -3.81
CA GLY A 194 0.75 6.81 -3.99
C GLY A 194 0.48 5.42 -3.43
N ILE A 195 1.32 4.43 -3.81
CA ILE A 195 1.29 3.07 -3.26
C ILE A 195 2.73 2.72 -2.85
N VAL A 196 2.92 2.25 -1.61
CA VAL A 196 4.26 1.86 -1.16
C VAL A 196 4.83 0.81 -2.12
N SER A 197 6.06 1.05 -2.65
CA SER A 197 6.73 0.10 -3.56
C SER A 197 8.05 -0.45 -3.01
N TYR A 198 9.11 0.38 -2.92
CA TYR A 198 10.40 -0.13 -2.49
C TYR A 198 11.31 0.99 -1.96
N GLY A 199 12.47 0.59 -1.42
CA GLY A 199 13.42 1.54 -0.88
C GLY A 199 14.76 0.85 -0.59
N ARG A 200 15.55 1.42 0.32
CA ARG A 200 16.84 0.85 0.68
C ARG A 200 16.67 -0.24 1.75
N SER A 201 17.48 -1.30 1.67
N SER A 201 17.48 -1.29 1.66
CA SER A 201 17.46 -2.34 2.69
CA SER A 201 17.50 -2.36 2.66
C SER A 201 17.83 -1.80 4.07
C SER A 201 17.86 -1.82 4.06
N ASP A 202 18.61 -0.71 4.13
CA ASP A 202 19.02 -0.13 5.41
C ASP A 202 18.05 0.93 5.92
N ALA A 203 16.91 1.12 5.23
CA ALA A 203 15.79 1.95 5.68
C ALA A 203 16.05 3.46 5.59
N LYS A 204 17.17 3.91 5.00
CA LYS A 204 17.41 5.35 4.88
C LYS A 204 16.47 5.93 3.82
N PRO A 205 15.65 6.93 4.20
CA PRO A 205 14.72 7.50 3.22
C PRO A 205 15.48 8.38 2.23
N PRO A 206 14.86 8.78 1.09
CA PRO A 206 13.48 8.49 0.72
C PRO A 206 13.20 7.07 0.22
N ALA A 207 11.93 6.71 0.18
CA ALA A 207 11.43 5.50 -0.49
C ALA A 207 10.63 5.85 -1.76
N VAL A 208 10.37 4.84 -2.59
CA VAL A 208 9.73 4.98 -3.88
C VAL A 208 8.31 4.43 -3.79
N PHE A 209 7.34 5.26 -4.22
CA PHE A 209 5.93 4.89 -4.28
C PHE A 209 5.45 4.95 -5.74
N THR A 210 4.53 4.04 -6.10
CA THR A 210 3.85 4.12 -7.39
C THR A 210 2.99 5.39 -7.44
N ARG A 211 3.08 6.16 -8.54
CA ARG A 211 2.27 7.37 -8.71
C ARG A 211 0.89 6.99 -9.27
N ILE A 212 -0.17 7.07 -8.43
CA ILE A 212 -1.47 6.54 -8.83
C ILE A 212 -2.02 7.24 -10.09
N SER A 213 -1.79 8.54 -10.26
CA SER A 213 -2.41 9.31 -11.34
C SER A 213 -2.08 8.69 -12.69
N HIS A 214 -0.85 8.17 -12.84
CA HIS A 214 -0.38 7.56 -14.08
C HIS A 214 -1.19 6.32 -14.46
N TYR A 215 -1.72 5.60 -13.45
CA TYR A 215 -2.37 4.29 -13.60
C TYR A 215 -3.89 4.38 -13.53
N ARG A 216 -4.45 5.59 -13.40
CA ARG A 216 -5.90 5.76 -13.28
C ARG A 216 -6.62 5.14 -14.49
N PRO A 217 -6.15 5.31 -15.75
CA PRO A 217 -6.80 4.62 -16.87
C PRO A 217 -6.83 3.09 -16.77
N TRP A 218 -5.70 2.51 -16.36
CA TRP A 218 -5.62 1.07 -16.17
C TRP A 218 -6.58 0.58 -15.07
N ILE A 219 -6.57 1.27 -13.92
CA ILE A 219 -7.45 0.94 -12.81
C ILE A 219 -8.90 0.95 -13.31
N ASN A 220 -9.28 1.99 -14.04
CA ASN A 220 -10.64 2.12 -14.54
C ASN A 220 -10.99 0.95 -15.47
N GLN A 221 -10.05 0.54 -16.32
N GLN A 221 -10.04 0.60 -16.36
CA GLN A 221 -10.28 -0.49 -17.32
CA GLN A 221 -10.21 -0.48 -17.32
C GLN A 221 -10.53 -1.84 -16.68
C GLN A 221 -10.60 -1.77 -16.59
N ILE A 222 -9.78 -2.16 -15.60
CA ILE A 222 -10.01 -3.40 -14.87
C ILE A 222 -11.36 -3.34 -14.16
N LEU A 223 -11.66 -2.24 -13.49
CA LEU A 223 -12.90 -2.15 -12.71
C LEU A 223 -14.10 -2.31 -13.65
N GLN A 224 -14.08 -1.63 -14.81
CA GLN A 224 -15.24 -1.59 -15.70
C GLN A 224 -15.49 -2.97 -16.34
N ALA A 225 -14.44 -3.78 -16.51
CA ALA A 225 -14.53 -5.07 -17.19
C ALA A 225 -14.84 -6.22 -16.24
N ASN A 226 -14.76 -5.98 -14.92
CA ASN A 226 -14.83 -7.07 -13.95
C ASN A 226 -15.87 -6.73 -12.89
#